data_4I94
#
_entry.id   4I94
#
_cell.length_a   64.100
_cell.length_b   74.280
_cell.length_c   65.520
_cell.angle_alpha   90.000
_cell.angle_beta   105.730
_cell.angle_gamma   90.000
#
_symmetry.space_group_name_H-M   'P 1 21 1'
#
loop_
_entity.id
_entity.type
_entity.pdbx_description
1 polymer 'Probable serine/threonine-protein kinase At5g41260'
2 non-polymer 'PHOSPHOAMINOPHOSPHONIC ACID-ADENYLATE ESTER'
3 non-polymer 'MAGNESIUM ION'
4 water water
#
_entity_poly.entity_id   1
_entity_poly.type   'polypeptide(L)'
_entity_poly.pdbx_seq_one_letter_code
;MAHHHHHHSSGQFREFSIETIRNATSGFAAENIVSEHGERAPNVVYKGKLENQRRIAVKRFNRKSWPDSRQFLEEAKAVG
QLRNHRMANLLGCCYEDEERLLIAEFMPNETLAKHLFHWESQPMKWAMRLRVALHIAQALEYCTSKGRALYHDLNAYRVL
FDDDANPRLSCFGLMKNSRDGKSYSTNLAFTPPEYLRTGRVTPESVIYSFGTLLLDLLSGKHIPPSHALDLIRDRNIQML
MDSGLEGQFSSDDGTELIRLASRCLQYEPRERPNPKSLVSAMIPLQKDLEIASHQLLGVP
;
_entity_poly.pdbx_strand_id   A,B
#
# COMPACT_ATOMS: atom_id res chain seq x y z
N HIS A 4 7.76 -10.31 11.10
CA HIS A 4 6.54 -10.75 10.37
C HIS A 4 6.73 -10.40 8.88
N HIS A 5 7.50 -11.28 8.22
CA HIS A 5 8.33 -10.99 7.03
C HIS A 5 7.74 -10.15 5.90
N HIS A 6 6.45 -10.31 5.58
CA HIS A 6 5.81 -9.53 4.50
C HIS A 6 5.63 -8.04 4.89
N HIS A 7 5.82 -7.74 6.18
CA HIS A 7 6.06 -6.37 6.65
C HIS A 7 7.30 -5.73 5.97
N HIS A 8 8.49 -6.28 6.24
CA HIS A 8 9.76 -5.63 5.83
C HIS A 8 10.25 -6.02 4.41
N SER A 9 11.25 -5.27 3.92
CA SER A 9 11.87 -5.52 2.59
C SER A 9 12.24 -6.99 2.36
N SER A 10 12.36 -7.38 1.09
CA SER A 10 12.72 -8.77 0.71
C SER A 10 14.13 -9.17 1.19
N GLY A 11 15.05 -8.21 1.28
CA GLY A 11 16.44 -8.55 1.61
C GLY A 11 17.28 -8.96 0.39
N GLN A 12 18.59 -8.97 0.52
CA GLN A 12 19.43 -9.09 -0.66
C GLN A 12 19.44 -10.54 -1.19
N PHE A 13 19.56 -10.63 -2.50
CA PHE A 13 19.69 -11.92 -3.19
C PHE A 13 20.80 -12.75 -2.58
N ARG A 14 20.53 -14.01 -2.30
CA ARG A 14 21.58 -14.86 -1.82
C ARG A 14 21.50 -16.27 -2.37
N GLU A 15 22.60 -16.99 -2.21
CA GLU A 15 22.71 -18.38 -2.59
C GLU A 15 22.28 -19.22 -1.40
N PHE A 16 21.36 -20.15 -1.62
CA PHE A 16 20.96 -21.06 -0.58
C PHE A 16 21.62 -22.43 -0.77
N SER A 17 21.86 -23.15 0.33
CA SER A 17 22.33 -24.52 0.25
C SER A 17 21.19 -25.47 -0.04
N ILE A 18 21.52 -26.58 -0.65
CA ILE A 18 20.55 -27.59 -0.95
C ILE A 18 19.98 -28.21 0.34
N GLU A 19 20.79 -28.30 1.40
CA GLU A 19 20.25 -28.78 2.68
C GLU A 19 19.17 -27.81 3.17
N THR A 20 19.41 -26.52 3.08
CA THR A 20 18.46 -25.54 3.55
C THR A 20 17.12 -25.70 2.79
N ILE A 21 17.23 -25.87 1.48
CA ILE A 21 16.02 -25.90 0.66
C ILE A 21 15.30 -27.23 0.77
N ARG A 22 16.05 -28.34 0.82
CA ARG A 22 15.43 -29.60 1.15
C ARG A 22 14.69 -29.54 2.50
N ASN A 23 15.32 -28.99 3.54
CA ASN A 23 14.65 -28.89 4.83
C ASN A 23 13.39 -28.06 4.74
N ALA A 24 13.45 -26.98 3.98
CA ALA A 24 12.30 -26.06 3.86
C ALA A 24 11.11 -26.59 3.09
N THR A 25 11.32 -27.55 2.19
CA THR A 25 10.29 -28.11 1.35
C THR A 25 9.98 -29.58 1.72
N SER A 26 10.45 -30.03 2.87
CA SER A 26 10.39 -31.43 3.22
C SER A 26 10.87 -32.36 2.10
N GLY A 27 12.08 -32.06 1.63
CA GLY A 27 12.73 -32.80 0.56
C GLY A 27 11.88 -32.87 -0.68
N PHE A 28 11.33 -31.72 -1.08
CA PHE A 28 10.49 -31.64 -2.29
C PHE A 28 9.33 -32.59 -2.22
N ALA A 29 8.60 -32.49 -1.11
CA ALA A 29 7.50 -33.37 -0.87
C ALA A 29 6.41 -33.05 -1.86
N ALA A 30 5.78 -34.07 -2.43
CA ALA A 30 4.75 -33.79 -3.44
C ALA A 30 3.56 -33.00 -2.84
N GLU A 31 3.30 -33.20 -1.55
CA GLU A 31 2.32 -32.39 -0.76
C GLU A 31 2.55 -30.85 -0.87
N ASN A 32 3.80 -30.46 -1.09
CA ASN A 32 4.17 -29.05 -1.17
C ASN A 32 4.16 -28.48 -2.57
N ILE A 33 3.82 -29.30 -3.57
CA ILE A 33 3.76 -28.79 -4.94
C ILE A 33 2.59 -27.81 -5.05
N VAL A 34 2.86 -26.61 -5.59
CA VAL A 34 1.81 -25.61 -5.76
C VAL A 34 1.52 -25.32 -7.24
N SER A 35 2.40 -25.77 -8.13
CA SER A 35 2.18 -25.68 -9.55
C SER A 35 1.24 -26.76 -10.02
N GLU A 36 0.77 -26.63 -11.25
CA GLU A 36 -0.12 -27.65 -11.82
C GLU A 36 0.65 -28.84 -12.35
N HIS A 37 -0.04 -29.98 -12.35
CA HIS A 37 0.44 -31.26 -12.90
C HIS A 37 1.45 -32.03 -12.09
N GLY A 38 1.57 -31.70 -10.81
CA GLY A 38 2.46 -32.44 -9.93
C GLY A 38 3.88 -32.60 -10.45
N GLU A 39 4.43 -33.79 -10.28
CA GLU A 39 5.78 -34.03 -10.73
C GLU A 39 5.86 -34.31 -12.24
N ARG A 40 4.74 -34.26 -12.97
CA ARG A 40 4.77 -34.50 -14.41
C ARG A 40 5.19 -33.28 -15.21
N ALA A 41 5.21 -32.10 -14.58
CA ALA A 41 5.49 -30.86 -15.27
C ALA A 41 7.00 -30.76 -15.53
N PRO A 42 7.42 -29.97 -16.52
CA PRO A 42 8.87 -29.96 -16.84
C PRO A 42 9.72 -29.26 -15.81
N ASN A 43 9.08 -28.39 -15.03
CA ASN A 43 9.66 -27.87 -13.82
C ASN A 43 8.48 -27.79 -12.81
N VAL A 44 8.82 -27.63 -11.54
CA VAL A 44 7.85 -27.76 -10.47
C VAL A 44 8.09 -26.71 -9.42
N VAL A 45 7.04 -26.06 -8.95
CA VAL A 45 7.17 -25.07 -7.90
C VAL A 45 6.58 -25.63 -6.59
N TYR A 46 7.40 -25.51 -5.52
CA TYR A 46 7.08 -25.99 -4.15
C TYR A 46 6.89 -24.82 -3.20
N LYS A 47 5.93 -24.96 -2.29
CA LYS A 47 5.91 -24.11 -1.10
C LYS A 47 6.97 -24.65 -0.09
N GLY A 48 7.66 -23.73 0.52
CA GLY A 48 8.66 -23.98 1.54
C GLY A 48 8.51 -23.01 2.70
N LYS A 49 9.16 -23.35 3.82
CA LYS A 49 9.21 -22.47 4.97
C LYS A 49 10.61 -22.59 5.57
N LEU A 50 11.29 -21.45 5.66
CA LEU A 50 12.63 -21.37 6.20
C LEU A 50 12.57 -21.46 7.74
N GLU A 51 13.71 -21.73 8.36
CA GLU A 51 13.74 -21.94 9.81
C GLU A 51 13.24 -20.70 10.58
N ASN A 52 13.45 -19.52 10.03
CA ASN A 52 12.86 -18.28 10.54
C ASN A 52 11.37 -18.06 10.21
N GLN A 53 10.70 -19.10 9.74
CA GLN A 53 9.27 -19.08 9.41
C GLN A 53 8.86 -18.35 8.11
N ARG A 54 9.80 -17.68 7.46
CA ARG A 54 9.51 -17.06 6.15
C ARG A 54 9.05 -18.11 5.12
N ARG A 55 7.96 -17.83 4.44
CA ARG A 55 7.48 -18.73 3.43
C ARG A 55 8.15 -18.39 2.07
N ILE A 56 8.48 -19.43 1.35
CA ILE A 56 9.15 -19.31 0.07
C ILE A 56 8.47 -20.16 -1.01
N ALA A 57 8.64 -19.73 -2.26
CA ALA A 57 8.31 -20.54 -3.43
C ALA A 57 9.61 -21.00 -4.02
N VAL A 58 9.70 -22.30 -4.29
CA VAL A 58 10.91 -22.87 -4.83
C VAL A 58 10.60 -23.48 -6.17
N LYS A 59 11.19 -22.89 -7.22
CA LYS A 59 11.09 -23.44 -8.58
C LYS A 59 12.22 -24.40 -8.83
N ARG A 60 11.85 -25.65 -9.09
CA ARG A 60 12.85 -26.71 -9.30
C ARG A 60 12.93 -27.13 -10.73
N PHE A 61 14.11 -26.92 -11.34
CA PHE A 61 14.34 -27.30 -12.72
C PHE A 61 15.08 -28.61 -12.79
N ASN A 62 14.90 -29.30 -13.91
CA ASN A 62 15.79 -30.39 -14.27
C ASN A 62 17.17 -29.79 -14.64
N ARG A 63 18.22 -30.49 -14.23
CA ARG A 63 19.60 -30.05 -14.51
C ARG A 63 19.81 -29.70 -16.01
N LYS A 64 19.19 -30.50 -16.87
CA LYS A 64 19.27 -30.36 -18.31
C LYS A 64 18.80 -29.03 -18.84
N SER A 65 17.91 -28.35 -18.11
CA SER A 65 17.41 -27.03 -18.51
C SER A 65 18.45 -25.95 -18.37
N TRP A 66 19.31 -26.10 -17.37
CA TRP A 66 20.26 -25.07 -16.97
C TRP A 66 21.58 -25.77 -16.58
N PRO A 67 22.21 -26.46 -17.54
CA PRO A 67 23.27 -27.40 -17.15
C PRO A 67 24.53 -26.69 -16.59
N ASP A 68 24.85 -25.51 -17.10
CA ASP A 68 25.98 -24.74 -16.57
C ASP A 68 25.50 -23.83 -15.41
N SER A 69 25.90 -24.20 -14.21
CA SER A 69 25.48 -23.48 -13.00
C SER A 69 25.95 -22.02 -12.99
N ARG A 70 27.05 -21.74 -13.67
CA ARG A 70 27.56 -20.39 -13.77
C ARG A 70 26.60 -19.48 -14.53
N GLN A 71 26.03 -19.99 -15.62
CA GLN A 71 25.06 -19.26 -16.41
C GLN A 71 23.76 -19.08 -15.65
N PHE A 72 23.38 -20.13 -14.93
CA PHE A 72 22.14 -20.12 -14.14
C PHE A 72 22.25 -19.06 -13.03
N LEU A 73 23.33 -19.11 -12.28
CA LEU A 73 23.56 -18.14 -11.21
C LEU A 73 23.62 -16.70 -11.70
N GLU A 74 24.28 -16.47 -12.84
CA GLU A 74 24.39 -15.14 -13.40
C GLU A 74 22.99 -14.58 -13.70
N GLU A 75 22.17 -15.39 -14.37
CA GLU A 75 20.80 -14.99 -14.68
C GLU A 75 19.99 -14.76 -13.42
N ALA A 76 20.09 -15.68 -12.47
CA ALA A 76 19.34 -15.58 -11.23
C ALA A 76 19.77 -14.32 -10.47
N LYS A 77 21.07 -14.06 -10.36
CA LYS A 77 21.53 -12.88 -9.69
C LYS A 77 21.02 -11.57 -10.34
N ALA A 78 20.94 -11.52 -11.66
CA ALA A 78 20.49 -10.32 -12.34
C ALA A 78 19.02 -10.11 -12.00
N VAL A 79 18.21 -11.18 -12.06
CA VAL A 79 16.78 -11.04 -11.70
C VAL A 79 16.65 -10.66 -10.21
N GLY A 80 17.57 -11.14 -9.40
CA GLY A 80 17.55 -10.95 -7.98
C GLY A 80 17.88 -9.53 -7.55
N GLN A 81 18.29 -8.70 -8.49
CA GLN A 81 18.51 -7.29 -8.16
C GLN A 81 17.21 -6.52 -8.13
N LEU A 82 16.18 -7.08 -8.75
CA LEU A 82 14.89 -6.37 -8.84
C LEU A 82 14.14 -6.51 -7.53
N ARG A 83 13.63 -5.38 -7.02
CA ARG A 83 12.88 -5.37 -5.78
C ARG A 83 11.73 -4.38 -5.92
N ASN A 84 10.51 -4.90 -5.98
CA ASN A 84 9.38 -4.02 -6.15
C ASN A 84 8.13 -4.66 -5.61
N HIS A 85 7.25 -3.83 -5.03
CA HIS A 85 6.07 -4.35 -4.38
C HIS A 85 5.03 -4.95 -5.36
N ARG A 86 5.21 -4.75 -6.67
CA ARG A 86 4.32 -5.39 -7.69
C ARG A 86 4.86 -6.73 -8.17
N MET A 87 6.01 -7.14 -7.63
CA MET A 87 6.67 -8.37 -8.04
C MET A 87 6.62 -9.36 -6.89
N ALA A 88 6.51 -10.66 -7.19
CA ALA A 88 6.93 -11.71 -6.24
C ALA A 88 8.41 -11.78 -6.47
N ASN A 89 9.18 -11.23 -5.53
CA ASN A 89 10.61 -10.97 -5.81
C ASN A 89 11.48 -12.23 -5.65
N LEU A 90 12.59 -12.26 -6.37
CA LEU A 90 13.50 -13.38 -6.30
C LEU A 90 14.51 -13.17 -5.16
N LEU A 91 14.42 -14.06 -4.17
CA LEU A 91 15.23 -14.04 -2.97
C LEU A 91 16.57 -14.73 -3.14
N GLY A 92 16.62 -15.70 -4.02
CA GLY A 92 17.80 -16.45 -4.17
C GLY A 92 17.75 -17.56 -5.20
N CYS A 93 18.83 -18.33 -5.18
CA CYS A 93 18.96 -19.50 -6.00
C CYS A 93 19.80 -20.57 -5.30
N CYS A 94 19.71 -21.79 -5.80
CA CYS A 94 20.53 -22.88 -5.29
C CYS A 94 20.99 -23.71 -6.46
N TYR A 95 22.29 -23.97 -6.52
CA TYR A 95 22.82 -24.76 -7.60
C TYR A 95 23.73 -25.90 -7.13
N GLU A 96 23.58 -26.29 -5.88
CA GLU A 96 24.34 -27.45 -5.32
C GLU A 96 23.77 -28.79 -5.70
N ASP A 97 24.65 -29.80 -5.67
CA ASP A 97 24.20 -31.18 -5.80
C ASP A 97 23.40 -31.45 -7.07
N GLU A 98 23.75 -30.78 -8.17
CA GLU A 98 23.10 -30.96 -9.47
C GLU A 98 21.70 -30.37 -9.54
N GLU A 99 21.31 -29.63 -8.51
CA GLU A 99 20.00 -28.96 -8.48
C GLU A 99 20.09 -27.58 -9.14
N ARG A 100 18.99 -27.14 -9.71
CA ARG A 100 18.90 -25.80 -10.24
C ARG A 100 17.57 -25.22 -9.76
N LEU A 101 17.67 -24.40 -8.73
CA LEU A 101 16.50 -23.87 -8.01
C LEU A 101 16.48 -22.39 -7.98
N LEU A 102 15.29 -21.83 -8.24
CA LEU A 102 14.99 -20.42 -7.93
C LEU A 102 14.07 -20.25 -6.72
N ILE A 103 14.40 -19.28 -5.87
CA ILE A 103 13.67 -19.06 -4.60
C ILE A 103 13.04 -17.68 -4.61
N ALA A 104 11.73 -17.62 -4.49
CA ALA A 104 11.02 -16.37 -4.50
C ALA A 104 10.15 -16.20 -3.25
N GLU A 105 9.69 -14.97 -3.03
CA GLU A 105 8.64 -14.69 -2.06
C GLU A 105 7.47 -15.53 -2.37
N PHE A 106 6.94 -16.20 -1.34
CA PHE A 106 5.74 -17.03 -1.51
C PHE A 106 4.48 -16.19 -1.56
N MET A 107 3.68 -16.45 -2.59
CA MET A 107 2.42 -15.76 -2.75
C MET A 107 1.34 -16.76 -2.39
N PRO A 108 0.61 -16.49 -1.30
CA PRO A 108 -0.23 -17.56 -0.75
C PRO A 108 -1.67 -17.65 -1.29
N ASN A 109 -2.03 -16.70 -2.16
CA ASN A 109 -3.41 -16.66 -2.66
C ASN A 109 -3.57 -16.98 -4.13
N GLU A 110 -2.73 -17.90 -4.61
CA GLU A 110 -2.82 -18.52 -5.88
C GLU A 110 -2.70 -17.50 -7.05
N THR A 111 -3.33 -17.80 -8.17
CA THR A 111 -3.03 -17.13 -9.44
C THR A 111 -4.26 -16.41 -9.97
N LEU A 112 -4.05 -15.56 -10.96
CA LEU A 112 -5.19 -15.00 -11.71
C LEU A 112 -6.01 -16.12 -12.33
N ALA A 113 -5.35 -17.13 -12.88
CA ALA A 113 -6.03 -18.27 -13.51
C ALA A 113 -7.05 -18.85 -12.52
N LYS A 114 -6.61 -19.04 -11.30
CA LYS A 114 -7.44 -19.66 -10.26
C LYS A 114 -8.68 -18.79 -10.01
N HIS A 115 -8.46 -17.51 -9.67
CA HIS A 115 -9.54 -16.63 -9.22
C HIS A 115 -10.40 -16.09 -10.36
N LEU A 116 -9.88 -16.10 -11.58
CA LEU A 116 -10.67 -15.68 -12.75
C LEU A 116 -11.42 -16.84 -13.40
N PHE A 117 -10.69 -17.91 -13.74
CA PHE A 117 -11.26 -19.03 -14.48
C PHE A 117 -11.82 -20.15 -13.59
N HIS A 118 -11.27 -20.32 -12.41
CA HIS A 118 -11.52 -21.52 -11.59
C HIS A 118 -11.97 -21.11 -10.18
N TRP A 119 -12.75 -20.04 -10.11
CA TRP A 119 -13.11 -19.39 -8.84
C TRP A 119 -13.90 -20.32 -7.92
N GLU A 120 -13.78 -20.08 -6.61
CA GLU A 120 -14.53 -20.86 -5.63
C GLU A 120 -15.74 -20.13 -5.07
N SER A 121 -15.57 -18.92 -4.57
CA SER A 121 -16.68 -18.21 -3.94
C SER A 121 -17.53 -17.53 -4.99
N GLN A 122 -16.88 -16.71 -5.80
CA GLN A 122 -17.57 -15.75 -6.60
C GLN A 122 -16.68 -15.40 -7.79
N PRO A 123 -17.26 -15.01 -8.92
CA PRO A 123 -16.43 -14.57 -10.03
C PRO A 123 -15.65 -13.34 -9.67
N MET A 124 -14.54 -13.10 -10.37
CA MET A 124 -13.75 -11.94 -10.03
C MET A 124 -14.51 -10.64 -10.32
N LYS A 125 -14.53 -9.73 -9.35
CA LYS A 125 -15.12 -8.40 -9.50
C LYS A 125 -14.35 -7.54 -10.51
N TRP A 126 -15.08 -6.72 -11.25
CA TRP A 126 -14.52 -5.83 -12.23
C TRP A 126 -13.44 -4.99 -11.62
N ALA A 127 -13.68 -4.45 -10.43
CA ALA A 127 -12.66 -3.62 -9.83
C ALA A 127 -11.36 -4.33 -9.54
N MET A 128 -11.43 -5.59 -9.17
CA MET A 128 -10.24 -6.40 -9.02
C MET A 128 -9.56 -6.68 -10.36
N ARG A 129 -10.33 -7.01 -11.39
CA ARG A 129 -9.74 -7.19 -12.75
C ARG A 129 -8.93 -5.97 -13.15
N LEU A 130 -9.47 -4.79 -12.85
CA LEU A 130 -8.75 -3.55 -13.17
C LEU A 130 -7.54 -3.31 -12.35
N ARG A 131 -7.60 -3.70 -11.08
CA ARG A 131 -6.47 -3.57 -10.17
C ARG A 131 -5.32 -4.53 -10.65
N VAL A 132 -5.70 -5.73 -11.07
CA VAL A 132 -4.76 -6.66 -11.65
C VAL A 132 -4.06 -6.03 -12.84
N ALA A 133 -4.82 -5.48 -13.76
CA ALA A 133 -4.23 -4.90 -14.99
C ALA A 133 -3.26 -3.78 -14.61
N LEU A 134 -3.67 -2.92 -13.66
CA LEU A 134 -2.73 -1.85 -13.22
C LEU A 134 -1.47 -2.38 -12.58
N HIS A 135 -1.61 -3.29 -11.61
CA HIS A 135 -0.46 -3.78 -10.86
C HIS A 135 0.50 -4.46 -11.80
N ILE A 136 -0.03 -5.24 -12.77
CA ILE A 136 0.85 -5.93 -13.70
C ILE A 136 1.52 -4.92 -14.63
N ALA A 137 0.82 -3.90 -15.05
CA ALA A 137 1.44 -2.85 -15.86
C ALA A 137 2.58 -2.15 -15.11
N GLN A 138 2.35 -1.87 -13.82
CA GLN A 138 3.38 -1.23 -12.98
C GLN A 138 4.57 -2.17 -12.79
N ALA A 139 4.30 -3.48 -12.63
CA ALA A 139 5.37 -4.48 -12.56
C ALA A 139 6.23 -4.46 -13.83
N LEU A 140 5.60 -4.47 -14.99
CA LEU A 140 6.36 -4.45 -16.25
C LEU A 140 7.16 -3.16 -16.37
N GLU A 141 6.55 -2.04 -16.03
CA GLU A 141 7.32 -0.75 -16.05
C GLU A 141 8.56 -0.78 -15.16
N TYR A 142 8.45 -1.34 -13.95
CA TYR A 142 9.54 -1.55 -13.02
C TYR A 142 10.62 -2.44 -13.62
N CYS A 143 10.21 -3.59 -14.14
CA CYS A 143 11.17 -4.55 -14.66
C CYS A 143 12.00 -3.90 -15.77
N THR A 144 11.30 -3.22 -16.67
CA THR A 144 11.95 -2.56 -17.81
C THR A 144 12.93 -1.49 -17.33
N SER A 145 12.53 -0.75 -16.31
CA SER A 145 13.39 0.31 -15.73
C SER A 145 14.71 -0.25 -15.18
N LYS A 146 14.71 -1.55 -14.79
CA LYS A 146 15.89 -2.22 -14.24
C LYS A 146 16.62 -3.06 -15.27
N GLY A 147 16.30 -2.92 -16.55
CA GLY A 147 17.00 -3.64 -17.65
C GLY A 147 16.55 -5.07 -17.87
N ARG A 148 15.37 -5.43 -17.37
CA ARG A 148 14.73 -6.70 -17.69
C ARG A 148 13.47 -6.41 -18.45
N ALA A 149 13.61 -6.10 -19.72
CA ALA A 149 12.42 -5.73 -20.48
C ALA A 149 11.76 -6.92 -21.14
N LEU A 150 12.41 -8.08 -21.13
CA LEU A 150 11.80 -9.31 -21.63
C LEU A 150 11.01 -9.98 -20.52
N TYR A 151 9.89 -10.56 -20.90
CA TYR A 151 9.16 -11.43 -19.93
C TYR A 151 8.73 -12.60 -20.79
N HIS A 152 9.03 -13.81 -20.36
CA HIS A 152 8.93 -15.03 -21.19
C HIS A 152 7.58 -15.68 -20.94
N ASP A 153 6.58 -15.22 -21.68
CA ASP A 153 5.20 -15.76 -21.64
C ASP A 153 4.43 -15.22 -20.44
N LEU A 154 4.00 -13.98 -20.60
CA LEU A 154 3.08 -13.34 -19.68
C LEU A 154 1.66 -13.93 -19.92
N ASN A 155 1.07 -14.53 -18.88
CA ASN A 155 -0.27 -15.10 -18.98
C ASN A 155 -0.87 -15.17 -17.58
N ALA A 156 -2.12 -15.63 -17.49
CA ALA A 156 -2.82 -15.67 -16.18
C ALA A 156 -2.18 -16.48 -15.08
N TYR A 157 -1.37 -17.47 -15.42
CA TYR A 157 -0.63 -18.24 -14.46
C TYR A 157 0.57 -17.50 -13.86
N ARG A 158 0.99 -16.41 -14.48
CA ARG A 158 2.11 -15.57 -13.93
C ARG A 158 1.69 -14.53 -12.94
N VAL A 159 0.39 -14.30 -12.86
CA VAL A 159 -0.19 -13.32 -11.95
C VAL A 159 -0.54 -14.01 -10.68
N LEU A 160 0.05 -13.53 -9.59
CA LEU A 160 -0.07 -14.16 -8.28
C LEU A 160 -0.69 -13.19 -7.28
N PHE A 161 -1.29 -13.73 -6.22
CA PHE A 161 -1.86 -12.87 -5.18
C PHE A 161 -1.12 -13.04 -3.83
N ASP A 162 -0.73 -11.92 -3.25
CA ASP A 162 0.20 -11.87 -2.13
C ASP A 162 -0.60 -12.06 -0.81
N ASP A 163 0.09 -11.79 0.29
CA ASP A 163 -0.50 -12.02 1.62
C ASP A 163 -1.70 -11.16 1.89
N ASP A 164 -1.69 -9.98 1.31
CA ASP A 164 -2.79 -9.01 1.37
C ASP A 164 -3.80 -9.14 0.24
N ALA A 165 -3.66 -10.19 -0.57
CA ALA A 165 -4.49 -10.46 -1.77
C ALA A 165 -4.32 -9.46 -2.90
N ASN A 166 -3.23 -8.69 -2.84
CA ASN A 166 -2.83 -7.84 -3.94
C ASN A 166 -2.18 -8.62 -5.07
N PRO A 167 -2.55 -8.28 -6.31
CA PRO A 167 -1.94 -8.96 -7.45
C PRO A 167 -0.49 -8.54 -7.66
N ARG A 168 0.36 -9.54 -7.98
CA ARG A 168 1.75 -9.29 -8.33
C ARG A 168 2.16 -10.13 -9.54
N LEU A 169 3.26 -9.73 -10.14
CA LEU A 169 3.86 -10.51 -11.22
C LEU A 169 4.95 -11.46 -10.72
N SER A 170 4.90 -12.72 -11.18
CA SER A 170 5.94 -13.70 -10.84
C SER A 170 7.31 -13.28 -11.36
N CYS A 171 8.32 -13.29 -10.50
CA CYS A 171 9.68 -13.10 -11.00
C CYS A 171 10.15 -14.23 -11.92
N PHE A 172 9.61 -15.43 -11.78
CA PHE A 172 10.17 -16.60 -12.48
C PHE A 172 10.11 -16.43 -14.01
N GLY A 173 9.11 -15.71 -14.50
CA GLY A 173 8.99 -15.54 -15.95
C GLY A 173 9.95 -14.51 -16.50
N LEU A 174 10.76 -13.89 -15.63
CA LEU A 174 11.82 -12.99 -16.12
C LEU A 174 12.98 -13.83 -16.68
N MET A 175 12.99 -15.10 -16.35
CA MET A 175 13.93 -16.08 -16.92
C MET A 175 13.23 -17.10 -17.73
N LYS A 176 13.94 -17.62 -18.74
CA LYS A 176 13.38 -18.71 -19.53
C LYS A 176 13.19 -20.01 -18.74
N ASN A 177 12.39 -20.96 -19.24
CA ASN A 177 12.29 -22.23 -18.54
C ASN A 177 13.50 -23.13 -18.83
N SER A 178 14.33 -22.71 -19.76
CA SER A 178 15.60 -23.37 -19.98
C SER A 178 16.52 -22.44 -20.75
N ARG A 179 17.82 -22.69 -20.67
CA ARG A 179 18.77 -21.82 -21.35
C ARG A 179 18.51 -21.72 -22.83
N ASP A 180 18.29 -22.87 -23.45
CA ASP A 180 18.14 -23.01 -24.90
C ASP A 180 16.70 -23.13 -25.36
N GLY A 181 15.74 -22.96 -24.47
CA GLY A 181 14.34 -23.18 -24.82
C GLY A 181 13.63 -22.00 -25.42
N LYS A 182 12.35 -22.23 -25.66
CA LYS A 182 11.48 -21.26 -26.28
C LYS A 182 10.96 -20.29 -25.21
N SER A 183 10.72 -19.03 -25.55
CA SER A 183 10.22 -18.07 -24.56
CA SER A 183 10.20 -18.02 -24.61
C SER A 183 8.71 -18.26 -24.30
N TYR A 184 7.99 -18.82 -25.29
CA TYR A 184 6.57 -19.21 -25.14
C TYR A 184 6.46 -20.70 -25.35
N SER A 185 5.93 -21.39 -24.34
N SER A 185 5.93 -21.41 -24.36
CA SER A 185 5.81 -22.85 -24.43
CA SER A 185 5.79 -22.86 -24.48
C SER A 185 4.33 -23.25 -24.49
C SER A 185 4.32 -23.27 -24.50
N THR A 186 3.46 -22.26 -24.44
CA THR A 186 2.06 -22.40 -24.40
C THR A 186 1.44 -22.19 -25.81
N ASN A 187 0.14 -22.42 -25.92
CA ASN A 187 -0.64 -22.46 -27.17
C ASN A 187 -0.32 -21.33 -28.15
N LEU A 188 0.03 -21.70 -29.38
CA LEU A 188 0.53 -20.75 -30.37
C LEU A 188 -0.49 -19.71 -30.83
N ALA A 189 -1.77 -20.01 -30.75
CA ALA A 189 -2.83 -19.09 -31.12
C ALA A 189 -2.83 -17.86 -30.22
N PHE A 190 -2.09 -17.92 -29.12
CA PHE A 190 -2.09 -16.81 -28.13
C PHE A 190 -0.82 -15.99 -28.16
N THR A 191 0.14 -16.41 -28.99
CA THR A 191 1.44 -15.78 -29.03
C THR A 191 1.46 -14.62 -30.02
N PRO A 192 2.40 -13.69 -29.84
CA PRO A 192 2.42 -12.56 -30.77
C PRO A 192 2.70 -13.04 -32.23
N PRO A 193 2.10 -12.41 -33.26
CA PRO A 193 2.31 -12.84 -34.68
C PRO A 193 3.76 -12.98 -35.12
N GLU A 194 4.60 -12.05 -34.73
CA GLU A 194 6.04 -12.07 -35.08
C GLU A 194 6.85 -13.14 -34.32
N TYR A 195 6.28 -13.68 -33.26
CA TYR A 195 7.01 -14.62 -32.42
C TYR A 195 7.24 -15.93 -33.15
N LEU A 196 6.15 -16.41 -33.74
CA LEU A 196 6.20 -17.67 -34.40
C LEU A 196 7.02 -17.57 -35.71
N ARG A 197 7.09 -16.37 -36.29
CA ARG A 197 8.05 -16.11 -37.36
C ARG A 197 9.50 -16.26 -36.87
N THR A 198 9.86 -15.61 -35.78
CA THR A 198 11.27 -15.42 -35.39
C THR A 198 11.77 -16.32 -34.28
N GLY A 199 10.87 -16.77 -33.41
CA GLY A 199 11.28 -17.51 -32.21
C GLY A 199 12.05 -16.62 -31.25
N ARG A 200 12.01 -15.28 -31.44
CA ARG A 200 12.69 -14.34 -30.55
C ARG A 200 11.71 -13.35 -29.80
N VAL A 201 11.70 -13.50 -28.47
CA VAL A 201 11.03 -12.58 -27.56
C VAL A 201 11.74 -11.20 -27.56
N THR A 202 10.93 -10.14 -27.74
CA THR A 202 11.36 -8.76 -27.64
C THR A 202 10.45 -8.05 -26.61
N PRO A 203 10.79 -6.81 -26.23
CA PRO A 203 9.90 -6.13 -25.28
C PRO A 203 8.48 -5.90 -25.79
N GLU A 204 8.34 -5.83 -27.11
CA GLU A 204 7.09 -5.58 -27.72
C GLU A 204 6.18 -6.82 -27.62
N SER A 205 6.79 -8.00 -27.57
CA SER A 205 6.06 -9.27 -27.36
C SER A 205 5.27 -9.25 -26.06
N VAL A 206 5.91 -8.75 -25.01
CA VAL A 206 5.33 -8.79 -23.67
C VAL A 206 4.04 -7.94 -23.70
N ILE A 207 4.08 -6.83 -24.42
CA ILE A 207 2.92 -5.95 -24.52
C ILE A 207 1.75 -6.63 -25.25
N TYR A 208 2.03 -7.39 -26.31
CA TYR A 208 1.00 -8.16 -26.95
C TYR A 208 0.40 -9.16 -25.94
N SER A 209 1.29 -9.78 -25.18
CA SER A 209 0.79 -10.74 -24.17
C SER A 209 -0.05 -10.06 -23.11
N PHE A 210 0.31 -8.83 -22.73
CA PHE A 210 -0.52 -8.04 -21.80
C PHE A 210 -1.93 -7.86 -22.37
N GLY A 211 -2.00 -7.66 -23.68
CA GLY A 211 -3.23 -7.62 -24.39
C GLY A 211 -4.07 -8.86 -24.22
N THR A 212 -3.44 -10.02 -24.31
CA THR A 212 -4.16 -11.28 -24.06
C THR A 212 -4.61 -11.39 -22.61
N LEU A 213 -3.79 -10.90 -21.67
CA LEU A 213 -4.27 -10.79 -20.29
C LEU A 213 -5.56 -9.95 -20.20
N LEU A 214 -5.59 -8.81 -20.89
CA LEU A 214 -6.78 -7.96 -20.91
C LEU A 214 -8.01 -8.67 -21.45
N LEU A 215 -7.80 -9.41 -22.52
CA LEU A 215 -8.86 -10.22 -23.09
C LEU A 215 -9.37 -11.27 -22.14
N ASP A 216 -8.47 -11.93 -21.40
CA ASP A 216 -8.87 -12.87 -20.37
C ASP A 216 -9.76 -12.18 -19.30
N LEU A 217 -9.33 -11.01 -18.86
CA LEU A 217 -10.05 -10.25 -17.86
C LEU A 217 -11.40 -9.79 -18.38
N LEU A 218 -11.45 -9.39 -19.66
CA LEU A 218 -12.67 -8.84 -20.28
C LEU A 218 -13.70 -9.91 -20.44
N SER A 219 -13.25 -11.11 -20.81
CA SER A 219 -14.12 -12.18 -21.21
C SER A 219 -14.35 -13.24 -20.15
N GLY A 220 -13.50 -13.29 -19.14
CA GLY A 220 -13.60 -14.35 -18.14
C GLY A 220 -13.18 -15.74 -18.64
N LYS A 221 -12.56 -15.82 -19.82
CA LYS A 221 -12.09 -17.09 -20.37
C LYS A 221 -10.87 -16.85 -21.22
N HIS A 222 -10.23 -17.93 -21.68
CA HIS A 222 -8.95 -17.82 -22.33
C HIS A 222 -9.29 -17.81 -23.81
N ILE A 223 -9.62 -16.63 -24.32
CA ILE A 223 -10.11 -16.50 -25.68
C ILE A 223 -8.98 -16.28 -26.70
N PRO A 224 -8.90 -17.08 -27.76
CA PRO A 224 -7.91 -16.74 -28.79
C PRO A 224 -8.02 -15.32 -29.30
N PRO A 225 -6.90 -14.60 -29.39
CA PRO A 225 -7.00 -13.20 -29.81
C PRO A 225 -7.61 -12.94 -31.19
N SER A 226 -7.39 -13.83 -32.17
CA SER A 226 -8.05 -13.69 -33.45
C SER A 226 -9.57 -13.74 -33.28
N HIS A 227 -10.10 -14.61 -32.41
CA HIS A 227 -11.53 -14.71 -32.19
CA HIS A 227 -11.54 -14.67 -32.23
C HIS A 227 -12.00 -13.39 -31.54
N ALA A 228 -11.29 -12.95 -30.51
CA ALA A 228 -11.64 -11.68 -29.85
C ALA A 228 -11.59 -10.50 -30.80
N LEU A 229 -10.51 -10.42 -31.59
CA LEU A 229 -10.33 -9.32 -32.52
C LEU A 229 -11.45 -9.30 -33.61
N ASP A 230 -11.93 -10.49 -34.01
CA ASP A 230 -13.09 -10.58 -34.96
C ASP A 230 -14.33 -9.96 -34.31
N LEU A 231 -14.58 -10.36 -33.07
CA LEU A 231 -15.69 -9.81 -32.31
C LEU A 231 -15.60 -8.30 -32.12
N ILE A 232 -14.43 -7.79 -31.81
CA ILE A 232 -14.27 -6.35 -31.65
C ILE A 232 -14.42 -5.64 -33.00
N ARG A 233 -13.85 -6.21 -34.05
CA ARG A 233 -13.91 -5.64 -35.41
C ARG A 233 -15.38 -5.47 -35.82
N ASP A 234 -16.14 -6.54 -35.62
CA ASP A 234 -17.58 -6.62 -35.92
C ASP A 234 -18.48 -5.94 -34.87
N ARG A 235 -17.87 -5.30 -33.88
CA ARG A 235 -18.58 -4.56 -32.85
C ARG A 235 -19.53 -5.45 -32.02
N ASN A 236 -19.28 -6.77 -32.04
CA ASN A 236 -20.03 -7.73 -31.22
C ASN A 236 -19.44 -7.89 -29.79
N ILE A 237 -19.51 -6.80 -29.01
CA ILE A 237 -18.95 -6.73 -27.65
C ILE A 237 -19.72 -7.65 -26.68
N GLN A 238 -21.04 -7.75 -26.85
CA GLN A 238 -21.81 -8.58 -25.92
C GLN A 238 -21.38 -10.06 -26.00
N MET A 239 -20.84 -10.48 -27.16
CA MET A 239 -20.31 -11.85 -27.27
C MET A 239 -18.95 -11.93 -26.53
N LEU A 240 -18.22 -10.81 -26.49
CA LEU A 240 -16.89 -10.76 -25.87
C LEU A 240 -16.90 -10.70 -24.36
N MET A 241 -17.63 -9.73 -23.80
CA MET A 241 -17.66 -9.47 -22.36
C MET A 241 -18.21 -10.62 -21.52
N ASP A 242 -17.54 -10.88 -20.41
CA ASP A 242 -17.96 -11.82 -19.38
C ASP A 242 -19.37 -11.49 -18.92
N SER A 243 -20.29 -12.42 -19.09
CA SER A 243 -21.69 -12.19 -18.68
C SER A 243 -21.80 -12.02 -17.16
N GLY A 244 -20.84 -12.59 -16.44
CA GLY A 244 -20.68 -12.42 -15.00
C GLY A 244 -20.31 -11.02 -14.51
N LEU A 245 -19.97 -10.09 -15.42
CA LEU A 245 -19.68 -8.73 -15.05
C LEU A 245 -20.92 -7.79 -15.09
N GLU A 246 -22.04 -8.30 -15.57
CA GLU A 246 -23.23 -7.46 -15.81
C GLU A 246 -23.46 -6.45 -14.69
N GLY A 247 -23.53 -5.16 -15.05
CA GLY A 247 -23.84 -4.08 -14.10
C GLY A 247 -22.70 -3.57 -13.22
N GLN A 248 -21.47 -4.09 -13.39
CA GLN A 248 -20.32 -3.63 -12.58
C GLN A 248 -19.51 -2.53 -13.24
N PHE A 249 -19.74 -2.31 -14.52
CA PHE A 249 -18.89 -1.43 -15.32
C PHE A 249 -19.78 -0.64 -16.23
N SER A 250 -19.29 0.54 -16.63
CA SER A 250 -19.91 1.35 -17.68
C SER A 250 -19.57 0.75 -19.04
N SER A 251 -20.50 0.86 -19.99
CA SER A 251 -20.14 0.68 -21.40
C SER A 251 -18.84 1.48 -21.70
N ASP A 252 -18.75 2.71 -21.19
CA ASP A 252 -17.57 3.57 -21.41
C ASP A 252 -16.23 3.03 -20.83
N ASP A 253 -16.20 2.59 -19.58
CA ASP A 253 -14.94 2.09 -19.02
C ASP A 253 -14.59 0.68 -19.58
N GLY A 254 -15.61 -0.10 -19.92
CA GLY A 254 -15.44 -1.37 -20.63
C GLY A 254 -14.85 -1.13 -22.01
N THR A 255 -15.45 -0.17 -22.70
CA THR A 255 -14.95 0.33 -23.97
C THR A 255 -13.52 0.77 -23.91
N GLU A 256 -13.16 1.52 -22.87
CA GLU A 256 -11.83 2.05 -22.74
C GLU A 256 -10.79 0.92 -22.55
N LEU A 257 -11.14 -0.13 -21.81
CA LEU A 257 -10.22 -1.26 -21.61
C LEU A 257 -10.05 -2.08 -22.89
N ILE A 258 -11.12 -2.26 -23.65
CA ILE A 258 -11.05 -2.92 -24.93
C ILE A 258 -10.16 -2.08 -25.86
N ARG A 259 -10.34 -0.75 -25.84
CA ARG A 259 -9.45 0.10 -26.65
C ARG A 259 -7.99 -0.19 -26.32
N LEU A 260 -7.67 -0.37 -25.03
CA LEU A 260 -6.29 -0.55 -24.63
C LEU A 260 -5.79 -1.89 -25.14
N ALA A 261 -6.64 -2.90 -25.03
CA ALA A 261 -6.31 -4.23 -25.56
C ALA A 261 -6.01 -4.20 -27.04
N SER A 262 -6.82 -3.43 -27.78
CA SER A 262 -6.63 -3.30 -29.22
C SER A 262 -5.28 -2.73 -29.57
N ARG A 263 -4.80 -1.77 -28.80
CA ARG A 263 -3.45 -1.20 -29.03
C ARG A 263 -2.36 -2.23 -28.77
N CYS A 264 -2.54 -2.97 -27.66
CA CYS A 264 -1.57 -3.96 -27.26
C CYS A 264 -1.44 -5.03 -28.31
N LEU A 265 -2.56 -5.35 -28.94
CA LEU A 265 -2.68 -6.49 -29.86
C LEU A 265 -2.43 -6.13 -31.32
N GLN A 266 -1.99 -4.92 -31.57
CA GLN A 266 -1.63 -4.50 -32.92
C GLN A 266 -0.62 -5.44 -33.55
N TYR A 267 -0.89 -5.81 -34.80
CA TYR A 267 0.00 -6.66 -35.58
C TYR A 267 1.44 -6.16 -35.59
N GLU A 268 1.64 -4.88 -35.89
CA GLU A 268 2.99 -4.29 -35.92
C GLU A 268 3.49 -3.96 -34.53
N PRO A 269 4.65 -4.53 -34.13
CA PRO A 269 5.14 -4.29 -32.76
C PRO A 269 5.41 -2.86 -32.43
N ARG A 270 5.84 -2.06 -33.42
CA ARG A 270 6.14 -0.67 -33.09
C ARG A 270 4.89 0.14 -32.73
N GLU A 271 3.70 -0.38 -33.06
CA GLU A 271 2.46 0.32 -32.74
C GLU A 271 1.93 0.05 -31.32
N ARG A 272 2.50 -0.93 -30.64
CA ARG A 272 2.03 -1.27 -29.31
C ARG A 272 2.51 -0.24 -28.28
N PRO A 273 1.70 -0.03 -27.25
CA PRO A 273 2.17 0.86 -26.18
C PRO A 273 3.37 0.29 -25.43
N ASN A 274 4.08 1.15 -24.71
CA ASN A 274 5.10 0.69 -23.79
C ASN A 274 4.49 0.60 -22.37
N PRO A 275 5.24 0.00 -21.42
CA PRO A 275 4.72 -0.20 -20.07
C PRO A 275 4.29 1.11 -19.36
N LYS A 276 5.07 2.17 -19.51
CA LYS A 276 4.68 3.49 -18.97
C LYS A 276 3.31 3.91 -19.40
N SER A 277 3.00 3.69 -20.67
CA SER A 277 1.72 4.04 -21.24
CA SER A 277 1.72 4.03 -21.27
C SER A 277 0.60 3.12 -20.78
N LEU A 278 0.89 1.84 -20.62
CA LEU A 278 -0.12 0.96 -19.98
C LEU A 278 -0.50 1.48 -18.60
N VAL A 279 0.47 1.87 -17.78
CA VAL A 279 0.24 2.39 -16.40
C VAL A 279 -0.67 3.61 -16.47
N SER A 280 -0.30 4.54 -17.33
CA SER A 280 -1.09 5.77 -17.57
C SER A 280 -2.53 5.53 -17.98
N ALA A 281 -2.74 4.58 -18.87
CA ALA A 281 -4.08 4.20 -19.28
C ALA A 281 -4.89 3.51 -18.15
N MET A 282 -4.22 2.71 -17.32
CA MET A 282 -4.94 1.95 -16.26
C MET A 282 -5.31 2.78 -15.03
N ILE A 283 -4.48 3.76 -14.70
CA ILE A 283 -4.70 4.56 -13.46
C ILE A 283 -6.10 5.15 -13.33
N PRO A 284 -6.58 5.87 -14.34
CA PRO A 284 -7.89 6.50 -14.25
C PRO A 284 -9.06 5.54 -14.34
N LEU A 285 -8.80 4.28 -14.68
CA LEU A 285 -9.88 3.31 -14.79
C LEU A 285 -10.16 2.66 -13.46
N GLN A 286 -9.32 2.89 -12.46
CA GLN A 286 -9.43 2.18 -11.19
C GLN A 286 -10.73 2.52 -10.48
N LYS A 287 -11.28 1.51 -9.80
CA LYS A 287 -12.57 1.64 -9.11
C LYS A 287 -12.46 1.04 -7.77
N ASP A 288 -13.28 1.52 -6.84
CA ASP A 288 -13.38 0.88 -5.55
C ASP A 288 -12.03 0.82 -4.83
N LEU A 289 -11.32 1.94 -4.93
CA LEU A 289 -10.03 2.06 -4.24
C LEU A 289 -10.11 1.78 -2.76
N GLU A 290 -11.28 2.06 -2.17
CA GLU A 290 -11.45 1.92 -0.74
C GLU A 290 -11.63 0.50 -0.27
N ILE A 291 -11.92 -0.43 -1.18
CA ILE A 291 -12.12 -1.80 -0.80
C ILE A 291 -10.79 -2.50 -0.84
N ALA A 292 -10.39 -3.06 0.28
CA ALA A 292 -9.12 -3.76 0.34
C ALA A 292 -9.15 -5.04 -0.51
N SER A 293 -7.99 -5.45 -0.98
CA SER A 293 -7.94 -6.57 -1.92
C SER A 293 -8.49 -7.84 -1.33
N HIS A 294 -8.16 -8.10 -0.07
CA HIS A 294 -8.70 -9.30 0.56
C HIS A 294 -10.23 -9.30 0.52
N GLN A 295 -10.84 -8.13 0.70
CA GLN A 295 -12.32 -8.02 0.63
C GLN A 295 -12.78 -8.18 -0.81
N LEU A 296 -12.09 -7.53 -1.74
CA LEU A 296 -12.44 -7.63 -3.14
C LEU A 296 -12.32 -9.04 -3.68
N LEU A 297 -11.25 -9.72 -3.32
CA LEU A 297 -10.98 -11.06 -3.83
C LEU A 297 -11.83 -12.11 -3.13
N GLY A 298 -12.13 -11.86 -1.85
CA GLY A 298 -12.94 -12.76 -1.02
C GLY A 298 -12.11 -13.72 -0.16
N VAL A 299 -11.11 -13.15 0.53
CA VAL A 299 -10.01 -13.83 1.26
C VAL A 299 -9.66 -12.92 2.49
N PRO A 300 -8.58 -13.19 3.29
CA PRO A 300 -8.09 -12.09 4.16
C PRO A 300 -6.70 -11.51 3.80
N HIS B 4 1.37 16.66 38.42
CA HIS B 4 0.60 17.62 37.55
C HIS B 4 1.37 17.91 36.23
N HIS B 5 0.66 17.90 35.10
CA HIS B 5 1.30 18.10 33.76
C HIS B 5 1.87 19.53 33.53
N HIS B 6 1.20 20.52 34.11
CA HIS B 6 1.74 21.89 34.23
C HIS B 6 3.22 21.90 34.62
N HIS B 7 3.61 20.98 35.51
CA HIS B 7 5.02 20.92 35.99
C HIS B 7 6.03 20.42 34.94
N HIS B 8 5.55 20.01 33.76
CA HIS B 8 6.43 19.45 32.73
C HIS B 8 6.46 20.23 31.40
N SER B 9 7.45 21.11 31.25
CA SER B 9 7.87 21.58 29.91
C SER B 9 8.59 20.43 29.21
N SER B 10 8.73 20.49 27.89
CA SER B 10 9.23 19.33 27.16
C SER B 10 10.68 18.97 27.55
N GLY B 11 11.54 19.99 27.67
CA GLY B 11 12.97 19.77 27.79
C GLY B 11 13.59 19.39 26.46
N GLN B 12 14.91 19.52 26.33
CA GLN B 12 15.54 19.18 25.07
C GLN B 12 15.56 17.66 24.84
N PHE B 13 15.55 17.30 23.57
CA PHE B 13 15.66 15.91 23.09
C PHE B 13 16.89 15.27 23.68
N ARG B 14 16.73 14.05 24.14
CA ARG B 14 17.83 13.31 24.76
C ARG B 14 17.72 11.82 24.42
N GLU B 15 18.85 11.10 24.50
CA GLU B 15 18.84 9.65 24.40
C GLU B 15 18.41 9.04 25.72
N PHE B 16 17.64 7.97 25.65
CA PHE B 16 17.21 7.25 26.83
C PHE B 16 17.87 5.91 26.80
N SER B 17 18.22 5.37 27.97
CA SER B 17 18.78 4.03 28.05
C SER B 17 17.65 3.01 27.99
N ILE B 18 17.93 1.82 27.46
CA ILE B 18 16.93 0.76 27.38
C ILE B 18 16.44 0.30 28.74
N GLU B 19 17.31 0.37 29.77
CA GLU B 19 16.88 -0.02 31.10
C GLU B 19 15.73 0.86 31.58
N THR B 20 15.90 2.16 31.41
CA THR B 20 14.91 3.15 31.75
C THR B 20 13.58 2.92 31.05
N ILE B 21 13.63 2.60 29.77
CA ILE B 21 12.37 2.39 29.00
C ILE B 21 11.71 1.04 29.36
N ARG B 22 12.48 -0.02 29.51
CA ARG B 22 11.96 -1.26 30.07
C ARG B 22 11.23 -1.03 31.41
N ASN B 23 11.86 -0.27 32.30
CA ASN B 23 11.28 -0.04 33.62
C ASN B 23 10.03 0.80 33.52
N ALA B 24 10.09 1.83 32.68
CA ALA B 24 8.86 2.66 32.42
C ALA B 24 7.67 1.93 31.82
N THR B 25 7.90 0.84 31.09
CA THR B 25 6.84 0.08 30.41
C THR B 25 6.59 -1.31 30.97
N SER B 26 7.16 -1.63 32.14
CA SER B 26 7.04 -2.97 32.71
CA SER B 26 7.04 -2.99 32.72
C SER B 26 7.53 -4.05 31.73
N GLY B 27 8.72 -3.81 31.16
CA GLY B 27 9.29 -4.67 30.16
C GLY B 27 8.38 -4.83 28.97
N PHE B 28 7.89 -3.70 28.43
CA PHE B 28 7.00 -3.69 27.27
C PHE B 28 5.84 -4.67 27.49
N ALA B 29 5.13 -4.46 28.58
CA ALA B 29 4.00 -5.32 28.95
C ALA B 29 2.83 -5.10 28.02
N ALA B 30 2.17 -6.18 27.64
CA ALA B 30 1.01 -6.11 26.76
C ALA B 30 -0.04 -5.12 27.23
N GLU B 31 -0.22 -5.03 28.55
CA GLU B 31 -1.27 -4.16 29.10
C GLU B 31 -0.92 -2.66 28.95
N ASN B 32 0.32 -2.36 28.61
CA ASN B 32 0.72 -0.99 28.33
C ASN B 32 0.64 -0.56 26.86
N ILE B 33 0.18 -1.47 26.00
CA ILE B 33 0.02 -1.23 24.56
C ILE B 33 -1.20 -0.30 24.39
N VAL B 34 -0.94 0.84 23.76
CA VAL B 34 -2.01 1.81 23.52
C VAL B 34 -2.45 1.83 22.07
N SER B 35 -1.68 1.21 21.18
CA SER B 35 -1.93 1.16 19.72
C SER B 35 -2.81 -0.03 19.40
N GLU B 36 -3.48 0.00 18.27
CA GLU B 36 -4.37 -1.07 17.84
C GLU B 36 -3.58 -2.32 17.43
N HIS B 37 -4.20 -3.48 17.64
CA HIS B 37 -3.72 -4.80 17.16
C HIS B 37 -2.60 -5.45 18.01
N GLY B 38 -2.38 -4.93 19.22
CA GLY B 38 -1.35 -5.49 20.11
C GLY B 38 -0.02 -5.70 19.41
N GLU B 39 0.56 -6.87 19.61
CA GLU B 39 1.89 -7.16 19.06
C GLU B 39 1.87 -7.59 17.58
N ARG B 40 0.69 -7.62 16.98
CA ARG B 40 0.57 -8.04 15.59
C ARG B 40 0.85 -6.89 14.61
N ALA B 41 0.95 -5.68 15.13
CA ALA B 41 1.16 -4.51 14.29
C ALA B 41 2.63 -4.38 13.92
N PRO B 42 2.95 -3.70 12.82
CA PRO B 42 4.36 -3.58 12.36
C PRO B 42 5.22 -2.82 13.35
N ASN B 43 4.58 -1.94 14.12
CA ASN B 43 5.22 -1.28 15.22
C ASN B 43 4.15 -1.13 16.30
N VAL B 44 4.57 -0.80 17.51
CA VAL B 44 3.70 -0.85 18.69
C VAL B 44 3.98 0.31 19.57
N VAL B 45 2.93 0.99 20.06
CA VAL B 45 3.11 2.10 20.97
C VAL B 45 2.64 1.69 22.38
N TYR B 46 3.50 2.02 23.36
CA TYR B 46 3.31 1.67 24.76
C TYR B 46 3.20 2.92 25.60
N LYS B 47 2.33 2.89 26.59
CA LYS B 47 2.40 3.92 27.64
C LYS B 47 3.48 3.53 28.64
N GLY B 48 4.20 4.53 29.09
CA GLY B 48 5.23 4.33 30.09
C GLY B 48 5.12 5.44 31.11
N LYS B 49 5.76 5.22 32.26
CA LYS B 49 5.93 6.27 33.24
C LYS B 49 7.34 6.18 33.80
N LEU B 50 8.01 7.31 33.82
CA LEU B 50 9.34 7.43 34.33
C LEU B 50 9.29 7.58 35.84
N GLU B 51 10.47 7.48 36.46
CA GLU B 51 10.57 7.56 37.92
C GLU B 51 10.02 8.88 38.45
N ASN B 52 10.39 9.99 37.82
CA ASN B 52 9.81 11.31 38.12
C ASN B 52 8.31 11.52 37.79
N GLN B 53 7.59 10.43 37.49
CA GLN B 53 6.11 10.44 37.28
C GLN B 53 5.60 10.95 35.91
N ARG B 54 6.49 11.49 35.08
CA ARG B 54 6.15 11.90 33.71
C ARG B 54 5.67 10.71 32.90
N ARG B 55 4.54 10.85 32.23
CA ARG B 55 4.08 9.75 31.39
C ARG B 55 4.60 9.95 30.00
N ILE B 56 4.91 8.84 29.35
CA ILE B 56 5.48 8.88 28.01
C ILE B 56 4.81 7.89 27.08
N ALA B 57 4.88 8.20 25.78
CA ALA B 57 4.50 7.29 24.76
C ALA B 57 5.77 6.81 24.10
N VAL B 58 5.83 5.51 23.96
CA VAL B 58 7.03 4.82 23.50
C VAL B 58 6.69 4.00 22.24
N LYS B 59 7.16 4.47 21.11
CA LYS B 59 6.95 3.75 19.86
C LYS B 59 8.13 2.79 19.58
N ARG B 60 7.81 1.52 19.48
CA ARG B 60 8.81 0.44 19.36
C ARG B 60 8.79 -0.13 17.96
N PHE B 61 9.92 -0.01 17.25
CA PHE B 61 10.02 -0.55 15.91
C PHE B 61 10.83 -1.85 15.90
N ASN B 62 10.65 -2.65 14.85
CA ASN B 62 11.59 -3.73 14.56
C ASN B 62 12.95 -3.19 14.09
N ARG B 63 14.04 -3.88 14.46
CA ARG B 63 15.38 -3.46 14.01
C ARG B 63 15.45 -3.25 12.49
N LYS B 64 14.75 -4.10 11.73
CA LYS B 64 14.76 -4.08 10.29
C LYS B 64 14.24 -2.79 9.73
N SER B 65 13.46 -2.05 10.51
CA SER B 65 12.87 -0.83 9.97
C SER B 65 13.92 0.26 9.88
N TRP B 66 14.86 0.27 10.82
CA TRP B 66 15.86 1.29 10.98
C TRP B 66 17.14 0.59 11.39
N PRO B 67 17.74 -0.21 10.48
CA PRO B 67 18.84 -1.11 10.86
C PRO B 67 20.14 -0.42 11.28
N ASP B 68 20.44 0.72 10.66
CA ASP B 68 21.52 1.56 11.12
C ASP B 68 21.04 2.53 12.18
N SER B 69 21.42 2.27 13.43
CA SER B 69 21.00 3.11 14.55
C SER B 69 21.44 4.61 14.40
N ARG B 70 22.57 4.85 13.74
CA ARG B 70 23.09 6.21 13.51
C ARG B 70 22.07 7.06 12.71
N GLN B 71 21.51 6.46 11.69
CA GLN B 71 20.49 7.11 10.86
C GLN B 71 19.20 7.38 11.63
N PHE B 72 18.81 6.39 12.44
CA PHE B 72 17.63 6.48 13.27
C PHE B 72 17.77 7.63 14.24
N LEU B 73 18.94 7.71 14.87
CA LEU B 73 19.19 8.78 15.84
C LEU B 73 19.18 10.14 15.14
N GLU B 74 19.80 10.23 13.98
CA GLU B 74 19.90 11.54 13.29
C GLU B 74 18.48 12.06 12.95
N GLU B 75 17.61 11.17 12.47
CA GLU B 75 16.22 11.51 12.11
C GLU B 75 15.43 11.88 13.36
N ALA B 76 15.55 11.05 14.40
CA ALA B 76 14.87 11.34 15.65
C ALA B 76 15.29 12.67 16.24
N LYS B 77 16.59 12.94 16.22
CA LYS B 77 17.05 14.17 16.79
C LYS B 77 16.49 15.37 16.02
N ALA B 78 16.41 15.26 14.71
CA ALA B 78 15.86 16.36 13.91
C ALA B 78 14.39 16.61 14.26
N VAL B 79 13.63 15.54 14.43
CA VAL B 79 12.24 15.70 14.84
C VAL B 79 12.15 16.21 16.27
N GLY B 80 13.12 15.83 17.11
CA GLY B 80 13.13 16.30 18.48
C GLY B 80 13.49 17.75 18.65
N GLN B 81 13.86 18.45 17.57
CA GLN B 81 14.11 19.91 17.61
C GLN B 81 12.81 20.68 17.68
N LEU B 82 11.74 20.03 17.29
CA LEU B 82 10.41 20.67 17.23
C LEU B 82 9.75 20.66 18.59
N ARG B 83 9.27 21.84 19.00
CA ARG B 83 8.67 22.07 20.29
C ARG B 83 7.54 23.06 20.11
N ASN B 84 6.32 22.54 20.20
CA ASN B 84 5.12 23.35 20.04
C ASN B 84 3.92 22.71 20.77
N HIS B 85 3.08 23.59 21.33
CA HIS B 85 1.99 23.16 22.15
C HIS B 85 0.88 22.45 21.34
N ARG B 86 0.89 22.54 20.01
CA ARG B 86 -0.05 21.71 19.17
C ARG B 86 0.46 20.32 18.78
N MET B 87 1.67 19.98 19.22
CA MET B 87 2.29 18.68 18.98
C MET B 87 2.38 17.91 20.26
N ALA B 88 2.28 16.59 20.12
CA ALA B 88 2.77 15.65 21.12
C ALA B 88 4.27 15.52 20.76
N ASN B 89 5.09 16.19 21.53
CA ASN B 89 6.49 16.45 21.14
C ASN B 89 7.38 15.23 21.39
N LEU B 90 8.42 15.14 20.58
CA LEU B 90 9.37 14.03 20.67
C LEU B 90 10.43 14.42 21.69
N LEU B 91 10.41 13.66 22.77
CA LEU B 91 11.31 13.81 23.94
C LEU B 91 12.67 13.14 23.78
N GLY B 92 12.72 12.05 23.01
CA GLY B 92 13.97 11.32 22.85
C GLY B 92 13.88 10.05 22.04
N CYS B 93 14.98 9.30 22.01
CA CYS B 93 14.96 8.00 21.40
C CYS B 93 15.86 7.05 22.20
N CYS B 94 15.80 5.79 21.87
CA CYS B 94 16.66 4.74 22.49
C CYS B 94 16.98 3.76 21.38
N TYR B 95 18.25 3.36 21.27
CA TYR B 95 18.63 2.44 20.23
C TYR B 95 19.61 1.37 20.77
N GLU B 96 19.54 1.10 22.06
CA GLU B 96 20.33 0.01 22.71
C GLU B 96 19.70 -1.35 22.49
N ASP B 97 20.53 -2.40 22.55
CA ASP B 97 20.04 -3.75 22.57
C ASP B 97 19.13 -4.10 21.41
N GLU B 98 19.48 -3.66 20.20
CA GLU B 98 18.74 -3.96 18.98
C GLU B 98 17.36 -3.25 18.89
N GLU B 99 17.05 -2.39 19.84
CA GLU B 99 15.76 -1.70 19.85
C GLU B 99 15.88 -0.42 19.04
N ARG B 100 14.73 0.05 18.54
CA ARG B 100 14.66 1.35 17.92
C ARG B 100 13.37 1.97 18.47
N LEU B 101 13.54 2.86 19.43
CA LEU B 101 12.40 3.43 20.18
C LEU B 101 12.36 4.92 20.04
N LEU B 102 11.13 5.43 19.88
CA LEU B 102 10.88 6.87 19.93
C LEU B 102 10.05 7.17 21.16
N ILE B 103 10.41 8.24 21.86
CA ILE B 103 9.78 8.58 23.13
C ILE B 103 9.12 9.94 22.97
N ALA B 104 7.80 9.97 23.11
CA ALA B 104 7.05 11.22 22.97
C ALA B 104 6.30 11.59 24.24
N GLU B 105 5.82 12.82 24.33
CA GLU B 105 4.84 13.19 25.38
C GLU B 105 3.57 12.31 25.31
N PHE B 106 3.14 11.71 26.43
CA PHE B 106 1.93 10.91 26.47
C PHE B 106 0.68 11.75 26.43
N MET B 107 -0.16 11.44 25.45
CA MET B 107 -1.49 12.02 25.32
C MET B 107 -2.52 11.06 25.87
N PRO B 108 -3.16 11.41 26.99
CA PRO B 108 -3.95 10.44 27.76
C PRO B 108 -5.42 10.30 27.36
N ASN B 109 -5.89 11.16 26.47
CA ASN B 109 -7.28 11.18 26.12
C ASN B 109 -7.59 10.70 24.69
N GLU B 110 -6.81 9.70 24.25
CA GLU B 110 -7.17 8.91 23.06
C GLU B 110 -7.01 9.70 21.76
N THR B 111 -7.62 9.19 20.69
CA THR B 111 -7.42 9.75 19.35
C THR B 111 -8.68 10.38 18.85
N LEU B 112 -8.55 11.16 17.76
CA LEU B 112 -9.71 11.65 17.03
C LEU B 112 -10.52 10.47 16.47
N ALA B 113 -9.85 9.43 16.02
CA ALA B 113 -10.58 8.22 15.55
C ALA B 113 -11.56 7.73 16.65
N LYS B 114 -11.06 7.60 17.87
CA LYS B 114 -11.87 7.15 18.99
C LYS B 114 -13.08 8.04 19.24
N HIS B 115 -12.84 9.32 19.44
CA HIS B 115 -13.89 10.25 19.82
C HIS B 115 -14.86 10.60 18.68
N LEU B 116 -14.38 10.51 17.45
CA LEU B 116 -15.16 10.87 16.30
C LEU B 116 -15.91 9.65 15.73
N PHE B 117 -15.19 8.59 15.40
CA PHE B 117 -15.75 7.43 14.74
C PHE B 117 -16.30 6.43 15.72
N HIS B 118 -15.67 6.32 16.90
CA HIS B 118 -15.93 5.18 17.83
C HIS B 118 -16.39 5.64 19.18
N TRP B 119 -17.16 6.73 19.16
CA TRP B 119 -17.61 7.38 20.35
C TRP B 119 -18.53 6.43 21.14
N GLU B 120 -18.51 6.59 22.46
CA GLU B 120 -19.43 5.87 23.37
C GLU B 120 -20.40 6.79 24.08
N SER B 121 -19.93 7.96 24.51
CA SER B 121 -20.79 8.94 25.16
C SER B 121 -21.82 9.59 24.21
N GLN B 122 -21.32 10.43 23.28
CA GLN B 122 -22.15 11.29 22.45
C GLN B 122 -21.25 11.49 21.22
N PRO B 123 -21.82 11.78 20.03
CA PRO B 123 -20.98 12.21 18.90
C PRO B 123 -20.19 13.45 19.28
N MET B 124 -19.07 13.66 18.60
CA MET B 124 -18.25 14.84 18.89
C MET B 124 -19.07 16.07 18.51
N LYS B 125 -19.02 17.10 19.35
CA LYS B 125 -19.65 18.38 19.06
C LYS B 125 -19.02 19.12 17.88
N TRP B 126 -19.83 19.83 17.11
CA TRP B 126 -19.35 20.71 16.02
C TRP B 126 -18.21 21.64 16.43
N ALA B 127 -18.40 22.34 17.56
CA ALA B 127 -17.37 23.23 18.01
C ALA B 127 -16.05 22.53 18.29
N MET B 128 -16.09 21.32 18.81
CA MET B 128 -14.82 20.56 19.02
C MET B 128 -14.22 20.11 17.65
N ARG B 129 -15.05 19.67 16.71
CA ARG B 129 -14.54 19.31 15.37
C ARG B 129 -13.80 20.48 14.76
N LEU B 130 -14.38 21.69 14.89
CA LEU B 130 -13.76 22.87 14.29
C LEU B 130 -12.44 23.26 15.03
N ARG B 131 -12.45 23.05 16.33
CA ARG B 131 -11.28 23.30 17.19
C ARG B 131 -10.10 22.39 16.81
N VAL B 132 -10.44 21.12 16.59
CA VAL B 132 -9.51 20.13 16.08
C VAL B 132 -8.87 20.60 14.76
N ALA B 133 -9.72 21.01 13.82
CA ALA B 133 -9.26 21.40 12.51
C ALA B 133 -8.26 22.59 12.65
N LEU B 134 -8.60 23.56 13.52
CA LEU B 134 -7.77 24.73 13.66
C LEU B 134 -6.42 24.33 14.31
N HIS B 135 -6.51 23.57 15.37
CA HIS B 135 -5.29 23.27 16.13
C HIS B 135 -4.34 22.39 15.30
N ILE B 136 -4.89 21.47 14.48
CA ILE B 136 -4.05 20.64 13.66
C ILE B 136 -3.45 21.44 12.51
N ALA B 137 -4.23 22.36 11.96
CA ALA B 137 -3.67 23.29 10.97
C ALA B 137 -2.48 24.08 11.56
N GLN B 138 -2.66 24.52 12.80
CA GLN B 138 -1.58 25.24 13.51
C GLN B 138 -0.33 24.37 13.70
N ALA B 139 -0.52 23.11 14.07
CA ALA B 139 0.55 22.15 14.14
C ALA B 139 1.31 22.04 12.83
N LEU B 140 0.59 21.88 11.73
CA LEU B 140 1.18 21.78 10.44
C LEU B 140 1.95 23.02 10.07
N GLU B 141 1.42 24.20 10.42
CA GLU B 141 2.13 25.46 10.08
C GLU B 141 3.45 25.49 10.83
N TYR B 142 3.39 25.18 12.13
CA TYR B 142 4.57 25.05 12.98
C TYR B 142 5.62 24.08 12.36
N CYS B 143 5.19 22.86 12.03
CA CYS B 143 6.11 21.87 11.49
C CYS B 143 6.79 22.35 10.19
N THR B 144 6.03 22.94 9.27
CA THR B 144 6.60 23.48 8.03
C THR B 144 7.59 24.59 8.33
N SER B 145 7.28 25.42 9.32
CA SER B 145 8.17 26.52 9.71
C SER B 145 9.53 26.05 10.23
N LYS B 146 9.57 24.81 10.75
CA LYS B 146 10.81 24.21 11.26
C LYS B 146 11.43 23.24 10.28
N GLY B 147 10.98 23.30 9.04
CA GLY B 147 11.59 22.54 7.95
C GLY B 147 11.16 21.11 7.85
N ARG B 148 10.02 20.79 8.47
CA ARG B 148 9.45 19.47 8.45
C ARG B 148 8.08 19.56 7.79
N ALA B 149 8.05 19.89 6.50
CA ALA B 149 6.78 20.01 5.74
C ALA B 149 6.16 18.69 5.38
N LEU B 150 6.97 17.63 5.40
CA LEU B 150 6.44 16.31 5.17
C LEU B 150 5.81 15.73 6.46
N TYR B 151 4.68 15.06 6.28
CA TYR B 151 4.00 14.29 7.34
C TYR B 151 3.56 13.03 6.67
N HIS B 152 3.96 11.90 7.23
CA HIS B 152 3.79 10.62 6.61
C HIS B 152 2.47 10.01 7.05
N ASP B 153 1.42 10.38 6.31
CA ASP B 153 0.04 9.92 6.51
C ASP B 153 -0.67 10.59 7.69
N LEU B 154 -1.17 11.78 7.45
CA LEU B 154 -2.03 12.46 8.36
C LEU B 154 -3.43 11.88 8.29
N ASN B 155 -3.92 11.40 9.42
CA ASN B 155 -5.24 10.78 9.49
C ASN B 155 -5.74 10.90 10.93
N ALA B 156 -6.95 10.41 11.22
CA ALA B 156 -7.55 10.57 12.51
C ALA B 156 -6.85 9.88 13.66
N TYR B 157 -6.03 8.85 13.35
CA TYR B 157 -5.22 8.17 14.35
C TYR B 157 -4.02 9.02 14.81
N ARG B 158 -3.65 10.06 14.08
CA ARG B 158 -2.49 10.90 14.37
C ARG B 158 -2.87 12.08 15.24
N VAL B 159 -4.17 12.29 15.42
CA VAL B 159 -4.69 13.42 16.19
C VAL B 159 -4.99 12.82 17.57
N LEU B 160 -4.39 13.40 18.58
CA LEU B 160 -4.47 12.89 19.94
C LEU B 160 -5.01 13.96 20.87
N PHE B 161 -5.56 13.57 22.00
CA PHE B 161 -5.96 14.59 22.99
C PHE B 161 -5.14 14.54 24.25
N ASP B 162 -4.69 15.70 24.68
CA ASP B 162 -3.73 15.82 25.77
C ASP B 162 -4.44 15.82 27.15
N ASP B 163 -3.69 16.20 28.18
CA ASP B 163 -4.23 16.18 29.55
C ASP B 163 -5.41 17.10 29.76
N ASP B 164 -5.44 18.20 29.02
CA ASP B 164 -6.51 19.17 29.09
C ASP B 164 -7.58 18.89 28.01
N ALA B 165 -7.41 17.78 27.29
CA ALA B 165 -8.34 17.33 26.25
C ALA B 165 -8.23 18.21 25.02
N ASN B 166 -7.11 18.90 24.90
CA ASN B 166 -6.80 19.65 23.68
C ASN B 166 -6.18 18.74 22.57
N PRO B 167 -6.59 18.97 21.31
CA PRO B 167 -6.11 18.16 20.18
C PRO B 167 -4.68 18.52 19.81
N ARG B 168 -3.88 17.49 19.57
CA ARG B 168 -2.50 17.66 19.20
C ARG B 168 -2.16 16.66 18.12
N LEU B 169 -1.13 16.99 17.34
CA LEU B 169 -0.63 16.14 16.29
C LEU B 169 0.54 15.29 16.78
N SER B 170 0.45 14.00 16.52
CA SER B 170 1.51 13.06 16.91
C SER B 170 2.81 13.43 16.23
N CYS B 171 3.91 13.50 17.00
CA CYS B 171 5.22 13.71 16.37
C CYS B 171 5.65 12.48 15.60
N PHE B 172 5.09 11.32 15.87
CA PHE B 172 5.63 10.09 15.23
C PHE B 172 5.47 10.07 13.71
N GLY B 173 4.45 10.75 13.21
CA GLY B 173 4.20 10.79 11.75
C GLY B 173 5.14 11.73 10.99
N LEU B 174 5.98 12.46 11.69
CA LEU B 174 7.00 13.28 11.04
C LEU B 174 8.18 12.44 10.55
N MET B 175 8.28 11.24 11.08
CA MET B 175 9.21 10.20 10.61
C MET B 175 8.51 9.05 9.96
N LYS B 176 9.14 8.44 8.95
CA LYS B 176 8.54 7.29 8.34
C LYS B 176 8.57 6.11 9.33
N ASN B 177 7.73 5.12 9.07
CA ASN B 177 7.70 3.90 9.88
C ASN B 177 8.93 3.00 9.63
N SER B 178 9.64 3.27 8.54
CA SER B 178 10.92 2.63 8.26
C SER B 178 11.76 3.50 7.34
N ARG B 179 13.08 3.39 7.44
CA ARG B 179 13.94 4.17 6.56
C ARG B 179 13.53 4.09 5.08
N ASP B 180 13.28 2.88 4.58
CA ASP B 180 13.10 2.66 3.14
C ASP B 180 11.63 2.43 2.81
N GLY B 181 10.74 2.64 3.77
CA GLY B 181 9.33 2.29 3.59
C GLY B 181 8.48 3.36 2.94
N LYS B 182 7.22 3.00 2.70
CA LYS B 182 6.24 3.89 2.10
C LYS B 182 5.80 4.93 3.15
N SER B 183 5.32 6.11 2.69
CA SER B 183 4.80 7.16 3.58
C SER B 183 3.33 6.89 3.97
N TYR B 184 2.65 6.08 3.15
CA TYR B 184 1.25 5.77 3.33
C TYR B 184 1.10 4.27 3.25
N SER B 185 0.72 3.66 4.37
CA SER B 185 0.45 2.21 4.42
C SER B 185 -1.03 1.92 4.53
N THR B 186 -1.81 2.97 4.68
CA THR B 186 -3.25 2.87 4.90
C THR B 186 -4.04 2.79 3.59
N ASN B 187 -5.36 2.68 3.75
CA ASN B 187 -6.32 2.60 2.65
C ASN B 187 -6.01 3.57 1.48
N LEU B 188 -5.82 3.01 0.29
CA LEU B 188 -5.50 3.81 -0.90
C LEU B 188 -6.53 4.87 -1.32
N ALA B 189 -7.79 4.68 -0.98
CA ALA B 189 -8.81 5.64 -1.36
C ALA B 189 -8.50 7.04 -0.74
N PHE B 190 -7.67 7.09 0.31
CA PHE B 190 -7.42 8.36 1.02
C PHE B 190 -6.07 8.97 0.69
N THR B 191 -5.31 8.28 -0.13
CA THR B 191 -3.94 8.73 -0.39
C THR B 191 -3.96 9.81 -1.49
N PRO B 192 -3.07 10.80 -1.40
CA PRO B 192 -3.11 11.78 -2.48
C PRO B 192 -2.85 11.11 -3.86
N PRO B 193 -3.55 11.55 -4.93
CA PRO B 193 -3.47 10.92 -6.24
C PRO B 193 -2.05 10.90 -6.77
N GLU B 194 -1.36 12.02 -6.65
CA GLU B 194 0.02 12.11 -7.10
C GLU B 194 0.94 11.13 -6.38
N TYR B 195 0.65 10.74 -5.13
CA TYR B 195 1.43 9.68 -4.46
C TYR B 195 1.14 8.36 -5.16
N LEU B 196 -0.04 8.22 -5.75
CA LEU B 196 -0.38 7.00 -6.47
C LEU B 196 0.46 6.87 -7.72
N ARG B 197 0.59 7.94 -8.48
CA ARG B 197 1.47 7.93 -9.65
C ARG B 197 2.95 7.86 -9.28
N THR B 198 3.41 8.67 -8.32
CA THR B 198 4.85 8.83 -8.08
C THR B 198 5.39 8.06 -6.89
N GLY B 199 4.57 7.73 -5.90
CA GLY B 199 5.10 7.20 -4.64
C GLY B 199 6.09 8.10 -3.89
N ARG B 200 6.03 9.42 -4.13
CA ARG B 200 6.86 10.40 -3.40
C ARG B 200 5.96 11.41 -2.67
N VAL B 201 6.10 11.47 -1.34
CA VAL B 201 5.39 12.45 -0.51
C VAL B 201 5.95 13.86 -0.72
N THR B 202 5.06 14.85 -0.78
CA THR B 202 5.44 16.27 -0.91
C THR B 202 4.72 17.10 0.17
N PRO B 203 5.13 18.36 0.37
CA PRO B 203 4.39 19.24 1.30
C PRO B 203 2.89 19.33 1.00
N GLU B 204 2.54 19.22 -0.28
CA GLU B 204 1.15 19.36 -0.69
C GLU B 204 0.35 18.12 -0.42
N SER B 205 1.06 17.00 -0.22
CA SER B 205 0.41 15.72 0.09
C SER B 205 -0.31 15.83 1.43
N VAL B 206 0.37 16.46 2.38
CA VAL B 206 -0.14 16.58 3.72
C VAL B 206 -1.45 17.41 3.69
N ILE B 207 -1.51 18.39 2.80
CA ILE B 207 -2.69 19.26 2.71
C ILE B 207 -3.86 18.43 2.17
N TYR B 208 -3.60 17.55 1.19
CA TYR B 208 -4.65 16.63 0.73
C TYR B 208 -5.17 15.77 1.90
N SER B 209 -4.25 15.26 2.70
CA SER B 209 -4.64 14.47 3.88
C SER B 209 -5.45 15.27 4.90
N PHE B 210 -5.10 16.54 5.06
CA PHE B 210 -5.88 17.45 5.92
C PHE B 210 -7.30 17.56 5.38
N GLY B 211 -7.42 17.64 4.06
CA GLY B 211 -8.73 17.58 3.44
C GLY B 211 -9.54 16.33 3.81
N THR B 212 -8.90 15.17 3.85
CA THR B 212 -9.60 13.95 4.25
C THR B 212 -10.02 14.03 5.75
N LEU B 213 -9.19 14.66 6.58
CA LEU B 213 -9.61 14.90 7.97
C LEU B 213 -10.86 15.77 8.02
N LEU B 214 -10.90 16.83 7.21
CA LEU B 214 -12.11 17.66 7.15
C LEU B 214 -13.34 16.85 6.74
N LEU B 215 -13.21 15.96 5.74
CA LEU B 215 -14.31 15.08 5.37
C LEU B 215 -14.74 14.18 6.52
N ASP B 216 -13.74 13.65 7.24
CA ASP B 216 -13.99 12.83 8.40
C ASP B 216 -14.80 13.65 9.44
N LEU B 217 -14.35 14.88 9.71
CA LEU B 217 -15.05 15.74 10.66
C LEU B 217 -16.45 16.12 10.21
N LEU B 218 -16.62 16.39 8.93
CA LEU B 218 -17.94 16.77 8.41
C LEU B 218 -18.96 15.63 8.46
N SER B 219 -18.52 14.42 8.21
CA SER B 219 -19.39 13.27 8.00
C SER B 219 -19.52 12.37 9.22
N GLY B 220 -18.54 12.42 10.13
CA GLY B 220 -18.51 11.50 11.27
C GLY B 220 -18.10 10.07 10.92
N LYS B 221 -17.62 9.86 9.71
CA LYS B 221 -17.04 8.58 9.31
C LYS B 221 -15.84 8.79 8.41
N HIS B 222 -15.07 7.72 8.22
CA HIS B 222 -13.90 7.78 7.35
C HIS B 222 -14.36 7.60 5.89
N ILE B 223 -14.88 8.66 5.34
CA ILE B 223 -15.55 8.65 4.06
C ILE B 223 -14.58 8.77 2.90
N PRO B 224 -14.67 7.83 1.95
CA PRO B 224 -13.74 7.94 0.83
C PRO B 224 -13.89 9.25 0.10
N PRO B 225 -12.79 9.94 -0.17
CA PRO B 225 -12.92 11.21 -0.81
C PRO B 225 -13.74 11.20 -2.10
N SER B 226 -13.58 10.16 -2.93
CA SER B 226 -14.35 10.12 -4.18
C SER B 226 -15.85 10.12 -3.91
N HIS B 227 -16.29 9.41 -2.88
CA HIS B 227 -17.70 9.37 -2.53
CA HIS B 227 -17.71 9.40 -2.56
C HIS B 227 -18.16 10.77 -2.08
N ALA B 228 -17.35 11.40 -1.23
CA ALA B 228 -17.71 12.72 -0.69
C ALA B 228 -17.71 13.76 -1.78
N LEU B 229 -16.70 13.66 -2.64
CA LEU B 229 -16.58 14.57 -3.72
C LEU B 229 -17.77 14.43 -4.69
N ASP B 230 -18.29 13.22 -4.86
CA ASP B 230 -19.50 13.07 -5.70
C ASP B 230 -20.71 13.75 -5.05
N LEU B 231 -20.85 13.57 -3.74
CA LEU B 231 -21.95 14.18 -2.98
C LEU B 231 -21.92 15.71 -3.08
N ILE B 232 -20.71 16.27 -2.98
CA ILE B 232 -20.53 17.71 -3.10
C ILE B 232 -20.88 18.19 -4.51
N ARG B 233 -20.36 17.51 -5.52
CA ARG B 233 -20.68 17.89 -6.91
C ARG B 233 -22.18 17.86 -7.15
N ASP B 234 -22.85 16.82 -6.67
CA ASP B 234 -24.28 16.64 -6.92
C ASP B 234 -25.16 17.48 -6.01
N ARG B 235 -24.53 18.33 -5.19
CA ARG B 235 -25.18 19.11 -4.12
C ARG B 235 -26.06 18.29 -3.20
N ASN B 236 -25.66 17.06 -2.90
CA ASN B 236 -26.38 16.27 -1.92
C ASN B 236 -25.63 16.33 -0.58
N ILE B 237 -25.49 17.55 -0.07
CA ILE B 237 -24.77 17.81 1.19
C ILE B 237 -25.44 17.13 2.38
N GLN B 238 -26.76 16.99 2.37
CA GLN B 238 -27.39 16.34 3.50
C GLN B 238 -26.91 14.93 3.69
N MET B 239 -26.55 14.23 2.61
CA MET B 239 -26.07 12.87 2.70
C MET B 239 -24.60 12.83 3.11
N LEU B 240 -23.91 13.95 3.01
CA LEU B 240 -22.50 14.06 3.45
C LEU B 240 -22.40 14.39 4.93
N MET B 241 -23.17 15.37 5.38
CA MET B 241 -23.14 15.83 6.79
C MET B 241 -23.57 14.78 7.82
N ASP B 242 -22.79 14.70 8.88
CA ASP B 242 -23.03 13.79 9.97
C ASP B 242 -24.42 14.13 10.52
N SER B 243 -25.32 13.14 10.53
CA SER B 243 -26.66 13.38 11.09
C SER B 243 -26.59 13.66 12.59
N GLY B 244 -25.50 13.23 13.24
CA GLY B 244 -25.22 13.57 14.63
C GLY B 244 -24.86 15.02 14.86
N LEU B 245 -24.69 15.80 13.79
CA LEU B 245 -24.47 17.25 13.93
C LEU B 245 -25.72 18.11 13.70
N GLU B 246 -26.87 17.46 13.47
CA GLU B 246 -28.08 18.16 13.06
C GLU B 246 -28.37 19.28 14.03
N GLY B 247 -28.56 20.51 13.53
CA GLY B 247 -28.87 21.68 14.35
C GLY B 247 -27.72 22.40 15.05
N GLN B 248 -26.49 21.87 14.95
CA GLN B 248 -25.36 22.47 15.66
C GLN B 248 -24.57 23.50 14.86
N PHE B 249 -24.85 23.62 13.58
CA PHE B 249 -24.01 24.43 12.67
C PHE B 249 -24.88 25.17 11.66
N SER B 250 -24.47 26.37 11.28
CA SER B 250 -25.20 27.11 10.23
C SER B 250 -24.93 26.48 8.86
N SER B 251 -25.91 26.58 7.97
CA SER B 251 -25.69 26.13 6.59
C SER B 251 -24.49 26.88 5.98
N ASP B 252 -24.30 28.18 6.29
CA ASP B 252 -23.10 28.93 5.86
C ASP B 252 -21.76 28.34 6.35
N ASP B 253 -21.64 28.04 7.64
CA ASP B 253 -20.40 27.49 8.19
C ASP B 253 -20.06 26.07 7.72
N GLY B 254 -21.08 25.22 7.68
CA GLY B 254 -20.96 23.91 7.03
C GLY B 254 -20.44 24.04 5.63
N THR B 255 -21.05 24.96 4.91
CA THR B 255 -20.67 25.22 3.52
CA THR B 255 -20.68 25.26 3.52
C THR B 255 -19.24 25.74 3.44
N GLU B 256 -18.86 26.64 4.37
CA GLU B 256 -17.51 27.20 4.35
C GLU B 256 -16.43 26.12 4.64
N LEU B 257 -16.72 25.21 5.56
CA LEU B 257 -15.78 24.12 5.81
C LEU B 257 -15.72 23.13 4.63
N ILE B 258 -16.86 22.87 3.99
CA ILE B 258 -16.85 22.04 2.80
C ILE B 258 -15.98 22.69 1.72
N ARG B 259 -16.09 24.01 1.52
CA ARG B 259 -15.28 24.70 0.56
C ARG B 259 -13.77 24.48 0.83
N LEU B 260 -13.42 24.55 2.10
CA LEU B 260 -12.01 24.33 2.50
C LEU B 260 -11.58 22.91 2.13
N ALA B 261 -12.39 21.91 2.48
CA ALA B 261 -12.11 20.55 2.08
C ALA B 261 -11.92 20.42 0.57
N SER B 262 -12.81 21.04 -0.21
CA SER B 262 -12.68 20.96 -1.66
C SER B 262 -11.34 21.53 -2.17
N ARG B 263 -10.89 22.61 -1.57
CA ARG B 263 -9.61 23.18 -1.94
C ARG B 263 -8.44 22.20 -1.60
N CYS B 264 -8.48 21.61 -0.40
CA CYS B 264 -7.44 20.69 -0.01
C CYS B 264 -7.38 19.44 -0.90
N LEU B 265 -8.53 19.05 -1.44
CA LEU B 265 -8.64 17.80 -2.15
C LEU B 265 -8.40 18.02 -3.66
N GLN B 266 -8.02 19.23 -4.03
CA GLN B 266 -7.76 19.57 -5.47
C GLN B 266 -6.82 18.54 -6.10
N TYR B 267 -7.08 18.16 -7.36
CA TYR B 267 -6.24 17.14 -8.00
C TYR B 267 -4.81 17.70 -8.20
N GLU B 268 -4.74 18.96 -8.61
CA GLU B 268 -3.49 19.70 -8.72
C GLU B 268 -2.92 20.18 -7.39
N PRO B 269 -1.79 19.61 -6.97
CA PRO B 269 -1.17 19.97 -5.69
C PRO B 269 -0.89 21.47 -5.53
N ARG B 270 -0.52 22.15 -6.62
CA ARG B 270 -0.18 23.57 -6.53
C ARG B 270 -1.38 24.42 -6.11
N GLU B 271 -2.58 23.90 -6.30
CA GLU B 271 -3.79 24.68 -6.02
C GLU B 271 -4.23 24.55 -4.56
N ARG B 272 -3.69 23.56 -3.85
CA ARG B 272 -4.07 23.34 -2.45
C ARG B 272 -3.54 24.43 -1.54
N PRO B 273 -4.28 24.74 -0.48
CA PRO B 273 -3.82 25.77 0.43
C PRO B 273 -2.55 25.32 1.16
N ASN B 274 -1.72 26.27 1.53
CA ASN B 274 -0.61 25.99 2.46
C ASN B 274 -1.10 26.04 3.88
N PRO B 275 -0.29 25.57 4.85
CA PRO B 275 -0.76 25.55 6.24
C PRO B 275 -1.20 26.89 6.79
N LYS B 276 -0.48 27.97 6.48
CA LYS B 276 -0.87 29.28 6.98
C LYS B 276 -2.24 29.64 6.47
N SER B 277 -2.54 29.25 5.23
CA SER B 277 -3.87 29.48 4.65
C SER B 277 -4.96 28.64 5.31
N LEU B 278 -4.61 27.42 5.66
CA LEU B 278 -5.54 26.57 6.45
C LEU B 278 -5.91 27.25 7.73
N VAL B 279 -4.91 27.78 8.44
CA VAL B 279 -5.14 28.41 9.73
C VAL B 279 -6.07 29.61 9.56
N SER B 280 -5.78 30.44 8.56
CA SER B 280 -6.59 31.65 8.39
CA SER B 280 -6.56 31.64 8.33
C SER B 280 -8.00 31.33 7.95
N ALA B 281 -8.18 30.23 7.22
CA ALA B 281 -9.51 29.78 6.84
C ALA B 281 -10.29 29.25 8.06
N MET B 282 -9.61 28.60 9.03
CA MET B 282 -10.29 28.01 10.17
C MET B 282 -10.67 28.99 11.27
N ILE B 283 -9.92 30.07 11.38
CA ILE B 283 -10.14 31.01 12.46
C ILE B 283 -11.54 31.58 12.53
N PRO B 284 -12.08 32.09 11.39
CA PRO B 284 -13.43 32.67 11.45
C PRO B 284 -14.56 31.71 11.73
N LEU B 285 -14.30 30.40 11.62
CA LEU B 285 -15.33 29.41 11.84
C LEU B 285 -15.43 28.98 13.27
N GLN B 286 -14.50 29.38 14.12
CA GLN B 286 -14.45 28.86 15.47
C GLN B 286 -15.68 29.23 16.30
N LYS B 287 -16.05 28.33 17.20
CA LYS B 287 -17.25 28.47 18.08
C LYS B 287 -16.96 28.04 19.51
N ASP B 288 -17.69 28.63 20.45
CA ASP B 288 -17.70 28.22 21.84
C ASP B 288 -16.30 28.20 22.46
N LEU B 289 -15.49 29.19 22.15
CA LEU B 289 -14.15 29.29 22.79
C LEU B 289 -14.18 29.25 24.34
N GLU B 290 -15.25 29.78 24.92
CA GLU B 290 -15.42 29.82 26.38
C GLU B 290 -15.67 28.46 27.01
N ILE B 291 -15.90 27.45 26.17
CA ILE B 291 -16.03 26.10 26.67
C ILE B 291 -14.70 25.38 26.62
N ALA B 292 -14.21 24.99 27.79
CA ALA B 292 -12.96 24.24 27.93
C ALA B 292 -13.06 22.94 27.16
N SER B 293 -11.97 22.54 26.54
CA SER B 293 -11.95 21.27 25.80
C SER B 293 -12.37 20.06 26.64
N HIS B 294 -12.00 19.99 27.94
CA HIS B 294 -12.42 18.91 28.83
CA HIS B 294 -12.43 18.91 28.83
C HIS B 294 -13.94 18.75 28.78
N GLN B 295 -14.64 19.86 28.90
CA GLN B 295 -16.09 19.83 28.83
C GLN B 295 -16.65 19.60 27.42
N LEU B 296 -16.10 20.26 26.40
CA LEU B 296 -16.54 20.09 25.00
C LEU B 296 -16.39 18.68 24.53
N LEU B 297 -15.25 18.06 24.85
CA LEU B 297 -14.97 16.69 24.46
C LEU B 297 -15.79 15.72 25.31
N GLY B 298 -16.14 16.13 26.53
CA GLY B 298 -16.96 15.29 27.39
C GLY B 298 -16.22 14.21 28.14
N VAL B 299 -14.95 14.45 28.50
CA VAL B 299 -14.22 13.41 29.23
C VAL B 299 -14.54 13.51 30.72
N PRO B 300 -14.53 12.36 31.42
CA PRO B 300 -14.74 12.38 32.87
C PRO B 300 -13.53 12.99 33.61
#